data_8YVA
#
_entry.id   8YVA
#
_cell.length_a   36.019
_cell.length_b   46.351
_cell.length_c   59.228
_cell.angle_alpha   79.41
_cell.angle_beta   74.33
_cell.angle_gamma   72.86
#
_symmetry.space_group_name_H-M   'P 1'
#
loop_
_entity.id
_entity.type
_entity.pdbx_description
1 polymer 'C2H2-type domain-containing protein'
2 polymer "DNA (5'-D(*TP*TP*GP*GP*GP*CP*GP*CP*TP*GP*CP*T)-3')"
3 polymer "DNA (5'-D(*AP*GP*CP*AP*GP*CP*GP*CP*CP*CP*AP*A)-3')"
4 non-polymer 'ZINC ION'
5 water water
#
loop_
_entity_poly.entity_id
_entity_poly.type
_entity_poly.pdbx_seq_one_letter_code
_entity_poly.pdbx_strand_id
1 'polypeptide(L)'
;SHMSFAFPLVQSPNKQKEEMNKVHNIKCHFDNCNRKIHWKIRYGKLRLVDHALSHQEEKSIDCQKCEYSCQTTRQMRYHY
KKIHANLKMEGFGILNIPLQNTKFSDVWNKCFGDQLKTIGPVRK
;
A,B
2 'polydeoxyribonucleotide' (DT)(DT)(DG)(DG)(DG)(DC)(DG)(DC)(DT)(DG)(DC)(DT) C,E
3 'polydeoxyribonucleotide' (DA)(DG)(DC)(DA)(DG)(DC)(DG)(DC)(DC)(DC)(DA)(DA) D,F
#
loop_
_chem_comp.id
_chem_comp.type
_chem_comp.name
_chem_comp.formula
DA DNA linking 2'-DEOXYADENOSINE-5'-MONOPHOSPHATE 'C10 H14 N5 O6 P'
DC DNA linking 2'-DEOXYCYTIDINE-5'-MONOPHOSPHATE 'C9 H14 N3 O7 P'
DG DNA linking 2'-DEOXYGUANOSINE-5'-MONOPHOSPHATE 'C10 H14 N5 O7 P'
DT DNA linking THYMIDINE-5'-MONOPHOSPHATE 'C10 H15 N2 O8 P'
ZN non-polymer 'ZINC ION' 'Zn 2'
#
# COMPACT_ATOMS: atom_id res chain seq x y z
N LYS A 17 4.15 13.22 -6.12
CA LYS A 17 3.67 12.22 -5.17
C LYS A 17 2.22 12.51 -4.81
N GLU A 18 1.85 13.79 -4.79
CA GLU A 18 0.45 14.15 -4.61
C GLU A 18 -0.37 13.71 -5.82
N GLU A 19 0.01 14.16 -7.01
CA GLU A 19 -0.65 13.73 -8.24
C GLU A 19 -0.50 12.24 -8.49
N MET A 20 0.41 11.58 -7.76
CA MET A 20 0.51 10.12 -7.79
C MET A 20 -0.64 9.44 -7.05
N ASN A 21 -1.20 10.10 -6.05
CA ASN A 21 -2.13 9.45 -5.12
C ASN A 21 -3.55 10.01 -5.26
N LYS A 22 -3.81 10.82 -6.28
CA LYS A 22 -5.14 11.35 -6.53
C LYS A 22 -6.03 10.29 -7.16
N VAL A 23 -7.25 10.15 -6.66
CA VAL A 23 -8.17 9.18 -7.26
C VAL A 23 -8.67 9.71 -8.60
N HIS A 24 -8.54 8.89 -9.64
CA HIS A 24 -9.15 9.13 -10.93
C HIS A 24 -10.13 8.00 -11.19
N ASN A 25 -11.42 8.31 -11.19
CA ASN A 25 -12.40 7.32 -11.59
C ASN A 25 -12.29 7.08 -13.09
N ILE A 26 -11.94 5.85 -13.48
CA ILE A 26 -11.86 5.44 -14.87
C ILE A 26 -13.13 4.67 -15.20
N LYS A 27 -13.93 5.17 -16.14
CA LYS A 27 -15.22 4.57 -16.46
C LYS A 27 -15.09 3.56 -17.59
N CYS A 28 -15.60 2.35 -17.39
CA CYS A 28 -15.61 1.35 -18.46
C CYS A 28 -16.86 1.51 -19.33
N HIS A 29 -16.66 1.77 -20.62
CA HIS A 29 -17.71 1.98 -21.60
C HIS A 29 -18.04 0.74 -22.41
N PHE A 30 -17.59 -0.44 -21.98
CA PHE A 30 -18.06 -1.66 -22.63
C PHE A 30 -19.57 -1.79 -22.43
N ASP A 31 -20.27 -2.26 -23.46
CA ASP A 31 -21.73 -2.33 -23.47
C ASP A 31 -22.27 -2.83 -22.14
N ASN A 32 -23.10 -2.00 -21.50
CA ASN A 32 -23.78 -2.29 -20.24
C ASN A 32 -22.81 -2.71 -19.14
N CYS A 33 -21.60 -2.17 -19.17
CA CYS A 33 -20.74 -2.22 -17.99
C CYS A 33 -20.91 -0.94 -17.18
N ASN A 34 -20.31 0.16 -17.65
CA ASN A 34 -20.38 1.47 -17.00
C ASN A 34 -19.87 1.45 -15.56
N ARG A 35 -19.09 0.43 -15.20
CA ARG A 35 -18.41 0.42 -13.90
C ARG A 35 -17.34 1.51 -13.87
N LYS A 36 -17.03 1.98 -12.68
CA LYS A 36 -16.00 2.98 -12.49
C LYS A 36 -14.90 2.36 -11.63
N ILE A 37 -13.68 2.33 -12.15
CA ILE A 37 -12.52 1.88 -11.40
C ILE A 37 -11.91 3.07 -10.69
N HIS A 38 -11.76 2.96 -9.37
CA HIS A 38 -11.24 4.06 -8.55
C HIS A 38 -9.72 3.94 -8.53
N TRP A 39 -9.11 4.49 -9.57
CA TRP A 39 -7.73 4.25 -9.95
C TRP A 39 -6.82 5.36 -9.43
N LYS A 40 -5.53 5.03 -9.29
CA LYS A 40 -4.46 5.97 -8.95
C LYS A 40 -3.24 5.64 -9.80
N ILE A 41 -2.52 6.68 -10.24
CA ILE A 41 -1.32 6.47 -11.06
C ILE A 41 -0.37 5.52 -10.37
N ARG A 42 -0.26 5.63 -9.04
CA ARG A 42 0.64 4.75 -8.29
C ARG A 42 0.33 3.29 -8.55
N TYR A 43 -0.94 2.95 -8.75
CA TYR A 43 -1.31 1.54 -8.88
C TYR A 43 -0.80 0.92 -10.17
N GLY A 44 -0.43 1.71 -11.17
CA GLY A 44 -0.19 1.16 -12.48
C GLY A 44 -1.46 0.61 -13.11
N LYS A 45 -1.30 0.05 -14.32
CA LYS A 45 -2.43 -0.21 -15.22
C LYS A 45 -2.99 -1.62 -15.12
N LEU A 46 -2.43 -2.48 -14.26
CA LEU A 46 -2.81 -3.89 -14.24
C LEU A 46 -4.31 -4.10 -14.03
N ARG A 47 -4.91 -3.38 -13.08
CA ARG A 47 -6.34 -3.56 -12.81
C ARG A 47 -7.19 -3.08 -13.96
N LEU A 48 -6.72 -2.08 -14.71
CA LEU A 48 -7.43 -1.65 -15.91
C LEU A 48 -7.28 -2.69 -17.02
N VAL A 49 -6.07 -3.18 -17.24
CA VAL A 49 -5.87 -4.22 -18.25
C VAL A 49 -6.73 -5.45 -17.94
N ASP A 50 -6.69 -5.91 -16.69
CA ASP A 50 -7.48 -7.07 -16.31
C ASP A 50 -8.96 -6.82 -16.55
N HIS A 51 -9.44 -5.62 -16.24
CA HIS A 51 -10.86 -5.34 -16.45
C HIS A 51 -11.21 -5.47 -17.93
N ALA A 52 -10.38 -4.89 -18.81
CA ALA A 52 -10.61 -5.03 -20.25
C ALA A 52 -10.50 -6.50 -20.68
N LEU A 53 -9.51 -7.23 -20.18
CA LEU A 53 -9.40 -8.65 -20.54
C LEU A 53 -10.62 -9.45 -20.10
N SER A 54 -11.31 -9.00 -19.04
CA SER A 54 -12.51 -9.71 -18.59
C SER A 54 -13.67 -9.55 -19.57
N HIS A 55 -13.62 -8.58 -20.47
CA HIS A 55 -14.66 -8.35 -21.46
C HIS A 55 -14.38 -9.07 -22.76
N GLN A 56 -13.28 -9.80 -22.84
CA GLN A 56 -12.84 -10.48 -24.04
C GLN A 56 -12.92 -11.98 -23.80
N GLU A 57 -13.37 -12.73 -24.81
CA GLU A 57 -13.63 -14.15 -24.59
C GLU A 57 -12.34 -14.96 -24.43
N GLU A 58 -11.21 -14.42 -24.88
CA GLU A 58 -9.97 -15.17 -24.91
C GLU A 58 -9.43 -15.40 -23.51
N LYS A 59 -8.79 -16.55 -23.32
CA LYS A 59 -8.07 -16.88 -22.08
C LYS A 59 -6.59 -16.79 -22.40
N SER A 60 -6.02 -15.60 -22.30
CA SER A 60 -4.65 -15.36 -22.73
C SER A 60 -3.64 -15.36 -21.59
N ILE A 61 -4.05 -15.69 -20.36
CA ILE A 61 -3.15 -15.78 -19.23
C ILE A 61 -2.91 -17.25 -18.92
N ASP A 62 -1.66 -17.71 -19.09
CA ASP A 62 -1.30 -19.13 -18.95
C ASP A 62 -0.55 -19.37 -17.65
N CYS A 63 -0.92 -20.43 -16.94
CA CYS A 63 -0.20 -20.80 -15.72
C CYS A 63 1.22 -21.25 -16.08
N GLN A 64 2.17 -20.94 -15.20
CA GLN A 64 3.55 -21.37 -15.41
C GLN A 64 3.82 -22.78 -14.89
N LYS A 65 2.86 -23.42 -14.22
CA LYS A 65 3.06 -24.74 -13.64
C LYS A 65 2.17 -25.83 -14.22
N CYS A 66 0.94 -25.51 -14.64
CA CYS A 66 0.05 -26.54 -15.14
C CYS A 66 -0.63 -26.02 -16.41
N GLU A 67 -1.64 -26.77 -16.87
CA GLU A 67 -2.31 -26.46 -18.13
C GLU A 67 -3.30 -25.31 -18.04
N TYR A 68 -3.54 -24.78 -16.84
CA TYR A 68 -4.62 -23.81 -16.64
C TYR A 68 -4.38 -22.52 -17.42
N SER A 69 -5.47 -21.94 -17.95
CA SER A 69 -5.44 -20.61 -18.55
C SER A 69 -6.71 -19.86 -18.17
N CYS A 70 -6.64 -18.53 -18.16
CA CYS A 70 -7.80 -17.74 -17.75
C CYS A 70 -7.73 -16.36 -18.38
N GLN A 71 -8.70 -15.50 -18.03
CA GLN A 71 -8.76 -14.19 -18.64
C GLN A 71 -7.86 -13.17 -17.95
N THR A 72 -7.80 -13.18 -16.61
CA THR A 72 -7.18 -12.07 -15.87
C THR A 72 -6.09 -12.59 -14.94
N THR A 73 -5.17 -11.69 -14.60
CA THR A 73 -4.16 -12.01 -13.60
C THR A 73 -4.77 -12.21 -12.21
N ARG A 74 -5.92 -11.57 -11.93
CA ARG A 74 -6.61 -11.83 -10.66
C ARG A 74 -7.11 -13.27 -10.59
N GLN A 75 -7.73 -13.74 -11.66
CA GLN A 75 -8.08 -15.16 -11.76
C GLN A 75 -6.86 -16.06 -11.58
N MET A 76 -5.75 -15.69 -12.21
CA MET A 76 -4.55 -16.51 -12.08
C MET A 76 -4.02 -16.49 -10.65
N ARG A 77 -4.13 -15.33 -9.97
CA ARG A 77 -3.70 -15.29 -8.58
C ARG A 77 -4.56 -16.20 -7.71
N TYR A 78 -5.87 -16.26 -8.00
CA TYR A 78 -6.73 -17.18 -7.26
C TYR A 78 -6.34 -18.61 -7.55
N HIS A 79 -6.02 -18.90 -8.81
CA HIS A 79 -5.60 -20.23 -9.20
C HIS A 79 -4.35 -20.67 -8.44
N TYR A 80 -3.34 -19.79 -8.37
CA TYR A 80 -2.11 -20.18 -7.68
C TYR A 80 -2.36 -20.40 -6.20
N LYS A 81 -3.18 -19.56 -5.58
CA LYS A 81 -3.48 -19.71 -4.16
C LYS A 81 -4.15 -21.06 -3.88
N LYS A 82 -5.02 -21.50 -4.77
CA LYS A 82 -5.77 -22.72 -4.48
C LYS A 82 -5.05 -23.98 -4.95
N ILE A 83 -4.39 -23.93 -6.11
CA ILE A 83 -3.81 -25.12 -6.74
C ILE A 83 -2.31 -25.21 -6.49
N HIS A 84 -1.63 -24.07 -6.39
CA HIS A 84 -0.18 -24.05 -6.22
C HIS A 84 0.20 -23.33 -4.93
N ALA A 85 -0.34 -23.82 -3.80
CA ALA A 85 -0.39 -23.02 -2.57
C ALA A 85 0.99 -22.59 -2.07
N ASN A 86 2.03 -23.38 -2.31
CA ASN A 86 3.36 -23.04 -1.80
C ASN A 86 4.25 -22.38 -2.85
N LEU A 87 3.67 -21.85 -3.93
CA LEU A 87 4.48 -21.39 -5.05
C LEU A 87 4.14 -19.95 -5.42
N LYS A 88 5.16 -19.15 -5.70
CA LYS A 88 4.95 -17.74 -5.99
C LYS A 88 4.56 -17.56 -7.45
N MET A 89 3.53 -16.77 -7.70
CA MET A 89 3.17 -16.56 -9.08
C MET A 89 3.98 -15.38 -9.58
N GLU A 90 4.59 -15.55 -10.75
CA GLU A 90 5.63 -14.64 -11.22
C GLU A 90 5.54 -14.50 -12.73
N GLY A 91 5.79 -13.29 -13.23
CA GLY A 91 5.79 -13.07 -14.65
C GLY A 91 4.43 -12.80 -15.24
N PHE A 92 3.59 -12.06 -14.53
CA PHE A 92 2.22 -11.78 -14.92
C PHE A 92 1.94 -10.28 -14.88
N GLY A 93 2.96 -9.47 -15.14
CA GLY A 93 2.73 -8.05 -15.33
C GLY A 93 2.24 -7.75 -16.73
N ILE A 94 1.72 -6.53 -16.88
CA ILE A 94 1.28 -6.08 -18.20
C ILE A 94 2.40 -6.19 -19.22
N LEU A 95 3.66 -6.16 -18.77
CA LEU A 95 4.74 -6.32 -19.74
C LEU A 95 5.00 -7.78 -20.08
N ASN A 96 4.39 -8.72 -19.36
CA ASN A 96 4.53 -10.14 -19.66
C ASN A 96 3.34 -10.70 -20.43
N ILE A 97 2.22 -10.01 -20.39
CA ILE A 97 0.95 -10.43 -20.98
C ILE A 97 0.95 -10.07 -22.47
N PRO A 98 0.39 -10.91 -23.35
CA PRO A 98 0.32 -10.54 -24.77
C PRO A 98 -0.73 -9.45 -25.03
N LEU A 99 -0.30 -8.20 -24.99
CA LEU A 99 -1.21 -7.08 -25.14
C LEU A 99 -1.01 -6.33 -26.44
N GLN A 100 0.15 -6.45 -27.08
CA GLN A 100 0.45 -5.65 -28.27
C GLN A 100 -0.13 -6.35 -29.50
N ASN A 101 -1.46 -6.31 -29.57
CA ASN A 101 -2.17 -6.93 -30.68
C ASN A 101 -3.49 -6.20 -30.85
N THR A 102 -4.13 -6.47 -31.99
CA THR A 102 -5.35 -5.77 -32.36
C THR A 102 -6.52 -6.12 -31.46
N LYS A 103 -6.68 -7.41 -31.12
CA LYS A 103 -7.83 -7.80 -30.30
C LYS A 103 -7.81 -7.05 -28.98
N PHE A 104 -6.65 -6.98 -28.34
CA PHE A 104 -6.64 -6.29 -27.05
C PHE A 104 -6.72 -4.79 -27.23
N SER A 105 -6.04 -4.26 -28.25
CA SER A 105 -6.15 -2.83 -28.52
C SER A 105 -7.60 -2.42 -28.74
N ASP A 106 -8.36 -3.26 -29.42
CA ASP A 106 -9.77 -2.95 -29.68
C ASP A 106 -10.58 -2.97 -28.39
N VAL A 107 -10.34 -3.96 -27.52
CA VAL A 107 -11.16 -4.03 -26.32
C VAL A 107 -10.77 -2.92 -25.34
N TRP A 108 -9.47 -2.61 -25.25
CA TRP A 108 -9.00 -1.51 -24.43
C TRP A 108 -9.62 -0.19 -24.88
N ASN A 109 -9.65 0.02 -26.20
CA ASN A 109 -10.25 1.23 -26.75
C ASN A 109 -11.73 1.30 -26.42
N LYS A 110 -12.46 0.18 -26.55
CA LYS A 110 -13.87 0.17 -26.23
C LYS A 110 -14.13 0.50 -24.76
N CYS A 111 -13.32 -0.06 -23.86
CA CYS A 111 -13.55 0.17 -22.44
C CYS A 111 -13.16 1.59 -22.04
N PHE A 112 -11.94 2.01 -22.38
CA PHE A 112 -11.34 3.17 -21.76
C PHE A 112 -10.79 4.18 -22.76
N GLY A 113 -11.09 4.04 -24.05
CA GLY A 113 -10.40 4.80 -25.08
C GLY A 113 -10.37 6.29 -24.81
N ASP A 114 -11.53 6.86 -24.45
CA ASP A 114 -11.64 8.28 -24.15
C ASP A 114 -10.85 8.72 -22.89
N GLN A 115 -10.07 7.85 -22.22
CA GLN A 115 -9.41 8.21 -20.98
C GLN A 115 -7.92 7.89 -21.00
N LEU A 116 -7.32 7.74 -22.19
CA LEU A 116 -5.93 7.33 -22.27
C LEU A 116 -4.96 8.44 -21.92
N LYS A 117 -5.40 9.70 -21.96
CA LYS A 117 -4.55 10.79 -21.50
C LYS A 117 -4.32 10.70 -20.00
N THR A 118 -5.33 10.24 -19.25
CA THR A 118 -5.19 10.07 -17.80
C THR A 118 -4.43 8.80 -17.46
N ILE A 119 -4.63 7.75 -18.25
CA ILE A 119 -3.99 6.46 -17.97
C ILE A 119 -2.55 6.46 -18.43
N GLY A 120 -2.33 6.74 -19.71
CA GLY A 120 -0.97 6.77 -20.27
C GLY A 120 -0.57 5.49 -20.95
N MET B 20 7.22 24.73 26.10
CA MET B 20 8.07 23.63 26.57
C MET B 20 7.22 22.76 27.49
N ASN B 21 6.67 23.37 28.54
CA ASN B 21 5.54 22.81 29.25
C ASN B 21 4.22 23.18 28.59
N LYS B 22 4.27 24.00 27.55
CA LYS B 22 3.07 24.47 26.86
C LYS B 22 2.48 23.36 26.00
N VAL B 23 1.16 23.36 25.88
CA VAL B 23 0.46 22.30 25.17
C VAL B 23 0.41 22.63 23.69
N HIS B 24 0.72 21.63 22.86
CA HIS B 24 0.53 21.67 21.42
C HIS B 24 -0.26 20.41 21.05
N ASN B 25 -1.57 20.56 20.88
CA ASN B 25 -2.37 19.44 20.40
C ASN B 25 -2.11 19.24 18.91
N ILE B 26 -1.40 18.17 18.57
CA ILE B 26 -1.00 17.92 17.19
C ILE B 26 -2.13 17.22 16.44
N LYS B 27 -2.38 17.67 15.21
CA LYS B 27 -3.42 17.07 14.37
C LYS B 27 -2.76 16.28 13.25
N CYS B 28 -3.09 14.99 13.15
CA CYS B 28 -2.55 14.16 12.08
C CYS B 28 -3.31 14.44 10.78
N HIS B 29 -2.57 14.69 9.71
CA HIS B 29 -3.14 15.02 8.41
C HIS B 29 -3.08 13.85 7.42
N PHE B 30 -2.73 12.66 7.89
CA PHE B 30 -2.71 11.50 7.00
C PHE B 30 -4.12 11.16 6.54
N ASP B 31 -4.21 10.62 5.32
CA ASP B 31 -5.47 10.19 4.71
C ASP B 31 -6.48 9.73 5.75
N ASN B 32 -7.65 10.36 5.79
CA ASN B 32 -8.79 9.95 6.60
C ASN B 32 -8.57 10.06 8.11
N CYS B 33 -7.43 10.58 8.56
CA CYS B 33 -7.11 10.47 9.98
C CYS B 33 -7.72 11.57 10.85
N ASN B 34 -7.13 12.77 10.83
CA ASN B 34 -7.56 13.90 11.69
C ASN B 34 -7.55 13.55 13.18
N ARG B 35 -6.68 12.63 13.60
CA ARG B 35 -6.54 12.31 15.02
C ARG B 35 -5.89 13.48 15.75
N LYS B 36 -6.33 13.71 16.98
CA LYS B 36 -5.78 14.74 17.86
C LYS B 36 -4.81 14.08 18.83
N ILE B 37 -3.56 14.52 18.84
CA ILE B 37 -2.55 13.99 19.75
C ILE B 37 -2.16 15.10 20.73
N HIS B 38 -2.59 14.96 21.98
CA HIS B 38 -2.26 15.93 23.02
C HIS B 38 -0.79 15.79 23.37
N TRP B 39 -0.03 16.87 23.21
CA TRP B 39 1.42 16.76 23.22
C TRP B 39 2.07 17.96 23.91
N LYS B 40 3.26 17.71 24.43
CA LYS B 40 4.12 18.68 25.11
C LYS B 40 5.56 18.31 24.75
N ILE B 41 6.43 19.31 24.69
CA ILE B 41 7.83 18.99 24.38
C ILE B 41 8.39 17.99 25.40
N ARG B 42 8.00 18.14 26.67
CA ARG B 42 8.47 17.20 27.68
C ARG B 42 8.27 15.75 27.27
N TYR B 43 7.19 15.46 26.54
CA TYR B 43 6.86 14.08 26.20
C TYR B 43 7.82 13.46 25.20
N GLY B 44 8.58 14.26 24.46
CA GLY B 44 9.39 13.73 23.39
C GLY B 44 8.51 13.33 22.21
N LYS B 45 9.17 12.83 21.17
CA LYS B 45 8.53 12.64 19.88
C LYS B 45 8.08 11.20 19.62
N LEU B 46 8.32 10.28 20.55
CA LEU B 46 8.05 8.86 20.26
C LEU B 46 6.57 8.60 20.00
N ARG B 47 5.66 9.24 20.72
CA ARG B 47 4.26 8.95 20.44
C ARG B 47 3.87 9.45 19.05
N LEU B 48 4.47 10.55 18.59
CA LEU B 48 4.20 11.02 17.23
C LEU B 48 4.82 10.10 16.19
N VAL B 49 6.05 9.67 16.42
CA VAL B 49 6.68 8.73 15.49
C VAL B 49 5.85 7.45 15.40
N ASP B 50 5.45 6.90 16.55
CA ASP B 50 4.61 5.71 16.54
C ASP B 50 3.33 5.94 15.75
N HIS B 51 2.71 7.11 15.90
CA HIS B 51 1.48 7.35 15.15
C HIS B 51 1.75 7.36 13.66
N ALA B 52 2.83 8.01 13.23
CA ALA B 52 3.18 7.98 11.82
C ALA B 52 3.44 6.55 11.34
N LEU B 53 4.16 5.75 12.13
CA LEU B 53 4.47 4.38 11.74
C LEU B 53 3.22 3.52 11.67
N SER B 54 2.18 3.90 12.43
CA SER B 54 0.93 3.15 12.37
C SER B 54 0.17 3.37 11.06
N HIS B 55 0.56 4.34 10.26
CA HIS B 55 -0.07 4.61 8.96
C HIS B 55 0.60 3.87 7.81
N GLN B 56 1.49 2.94 8.11
CA GLN B 56 2.13 2.09 7.11
C GLN B 56 2.04 0.64 7.54
N GLU B 57 1.85 -0.27 6.57
CA GLU B 57 1.81 -1.68 6.95
C GLU B 57 3.17 -2.24 7.35
N GLU B 58 4.27 -1.61 6.93
CA GLU B 58 5.59 -2.17 7.20
C GLU B 58 5.76 -2.34 8.71
N LYS B 59 6.29 -3.50 9.12
CA LYS B 59 6.58 -3.78 10.54
C LYS B 59 8.07 -3.58 10.75
N SER B 60 8.45 -2.34 11.04
CA SER B 60 9.86 -1.97 11.09
C SER B 60 10.46 -2.07 12.49
N ILE B 61 9.66 -2.36 13.50
CA ILE B 61 10.15 -2.46 14.88
C ILE B 61 10.38 -3.94 15.19
N ASP B 62 11.62 -4.31 15.53
CA ASP B 62 12.04 -5.71 15.67
C ASP B 62 12.33 -6.07 17.12
N CYS B 63 11.76 -7.18 17.59
CA CYS B 63 12.03 -7.63 18.94
C CYS B 63 13.50 -8.08 19.05
N GLN B 64 14.13 -7.78 20.18
CA GLN B 64 15.52 -8.17 20.36
C GLN B 64 15.67 -9.64 20.72
N LYS B 65 14.60 -10.33 21.13
CA LYS B 65 14.70 -11.69 21.64
C LYS B 65 14.00 -12.74 20.78
N CYS B 66 13.30 -12.34 19.71
CA CYS B 66 12.68 -13.31 18.83
C CYS B 66 12.37 -12.62 17.51
N GLU B 67 11.80 -13.37 16.57
CA GLU B 67 11.57 -12.89 15.22
C GLU B 67 10.43 -11.90 15.11
N TYR B 68 9.67 -11.69 16.18
CA TYR B 68 8.51 -10.80 16.12
C TYR B 68 8.86 -9.40 15.65
N SER B 69 8.10 -8.88 14.68
CA SER B 69 8.20 -7.48 14.27
C SER B 69 6.81 -6.85 14.24
N CYS B 70 6.74 -5.54 14.45
CA CYS B 70 5.45 -4.86 14.49
C CYS B 70 5.61 -3.42 14.05
N GLN B 71 4.48 -2.69 13.99
CA GLN B 71 4.52 -1.34 13.44
C GLN B 71 5.05 -0.31 14.43
N THR B 72 4.67 -0.41 15.70
CA THR B 72 4.96 0.66 16.65
C THR B 72 5.68 0.12 17.88
N THR B 73 6.41 1.01 18.55
CA THR B 73 7.02 0.65 19.82
C THR B 73 5.98 0.37 20.90
N ARG B 74 4.77 0.97 20.81
CA ARG B 74 3.70 0.63 21.75
C ARG B 74 3.29 -0.82 21.60
N GLN B 75 3.20 -1.31 20.36
CA GLN B 75 2.92 -2.73 20.16
C GLN B 75 4.04 -3.59 20.71
N MET B 76 5.28 -3.13 20.55
CA MET B 76 6.39 -3.99 20.91
C MET B 76 6.46 -4.10 22.45
N ARG B 77 6.09 -3.02 23.17
CA ARG B 77 5.97 -3.07 24.62
C ARG B 77 4.97 -4.14 25.05
N TYR B 78 3.85 -4.24 24.33
CA TYR B 78 2.88 -5.25 24.71
C TYR B 78 3.42 -6.65 24.39
N HIS B 79 4.12 -6.78 23.25
CA HIS B 79 4.78 -8.04 22.95
C HIS B 79 5.72 -8.46 24.08
N TYR B 80 6.55 -7.52 24.56
CA TYR B 80 7.48 -7.87 25.63
C TYR B 80 6.74 -8.24 26.91
N LYS B 81 5.67 -7.52 27.23
CA LYS B 81 4.91 -7.83 28.44
C LYS B 81 4.36 -9.25 28.40
N LYS B 82 3.81 -9.66 27.26
CA LYS B 82 3.14 -10.94 27.11
C LYS B 82 4.12 -12.09 26.90
N ILE B 83 5.16 -11.88 26.10
CA ILE B 83 6.02 -12.97 25.61
C ILE B 83 7.35 -13.01 26.35
N HIS B 84 7.81 -11.86 26.85
CA HIS B 84 9.12 -11.74 27.48
C HIS B 84 8.98 -11.01 28.83
N ALA B 85 8.07 -11.49 29.67
CA ALA B 85 7.71 -10.78 30.90
C ALA B 85 8.86 -10.71 31.91
N ASN B 86 9.85 -11.59 31.80
CA ASN B 86 11.01 -11.60 32.68
C ASN B 86 12.02 -10.52 32.32
N LEU B 87 11.77 -9.74 31.27
CA LEU B 87 12.76 -8.83 30.73
C LEU B 87 12.29 -7.39 30.86
N LYS B 88 13.25 -6.48 31.02
CA LYS B 88 12.99 -5.05 30.90
C LYS B 88 13.27 -4.66 29.46
N MET B 89 12.26 -4.10 28.78
CA MET B 89 12.44 -3.77 27.39
C MET B 89 13.32 -2.53 27.29
N GLU B 90 14.31 -2.57 26.41
CA GLU B 90 15.21 -1.44 26.24
C GLU B 90 15.61 -1.38 24.77
N GLY B 91 15.90 -0.17 24.31
CA GLY B 91 16.41 0.04 22.98
C GLY B 91 15.38 0.38 21.92
N PHE B 92 14.26 0.96 22.30
CA PHE B 92 13.20 1.25 21.33
C PHE B 92 12.82 2.73 21.38
N GLY B 93 13.81 3.61 21.53
CA GLY B 93 13.57 5.04 21.42
C GLY B 93 13.68 5.50 19.96
N ILE B 94 13.34 6.77 19.74
CA ILE B 94 13.45 7.30 18.38
C ILE B 94 14.88 7.23 17.89
N LEU B 95 15.86 7.27 18.82
CA LEU B 95 17.26 7.22 18.42
C LEU B 95 17.73 5.82 18.09
N ASN B 96 16.89 4.81 18.31
CA ASN B 96 17.18 3.43 17.92
C ASN B 96 16.40 2.97 16.70
N ILE B 97 15.32 3.64 16.34
CA ILE B 97 14.42 3.22 15.27
C ILE B 97 14.98 3.63 13.92
N PRO B 98 14.90 2.77 12.89
CA PRO B 98 15.31 3.20 11.54
C PRO B 98 14.39 4.29 10.98
N LEU B 99 14.70 5.55 11.27
CA LEU B 99 13.90 6.68 10.78
C LEU B 99 14.58 7.46 9.69
N GLN B 100 15.83 7.15 9.38
CA GLN B 100 16.69 7.99 8.55
C GLN B 100 16.55 7.61 7.07
N ASN B 101 15.33 7.67 6.57
CA ASN B 101 15.07 7.22 5.21
C ASN B 101 13.95 8.03 4.59
N THR B 102 13.88 7.97 3.25
CA THR B 102 12.92 8.77 2.51
C THR B 102 11.48 8.39 2.87
N LYS B 103 11.21 7.09 2.96
CA LYS B 103 9.87 6.63 3.23
C LYS B 103 9.34 7.17 4.55
N PHE B 104 10.15 7.08 5.61
CA PHE B 104 9.65 7.62 6.87
C PHE B 104 9.51 9.13 6.79
N SER B 105 10.47 9.81 6.14
CA SER B 105 10.38 11.25 5.98
C SER B 105 9.09 11.65 5.27
N ASP B 106 8.69 10.86 4.26
CA ASP B 106 7.45 11.11 3.54
C ASP B 106 6.22 10.94 4.44
N VAL B 107 6.17 9.87 5.24
CA VAL B 107 4.99 9.65 6.07
C VAL B 107 4.96 10.66 7.20
N TRP B 108 6.12 10.95 7.79
CA TRP B 108 6.21 11.96 8.84
C TRP B 108 5.68 13.30 8.36
N ASN B 109 6.12 13.72 7.17
CA ASN B 109 5.66 14.99 6.61
C ASN B 109 4.18 14.96 6.29
N LYS B 110 3.70 13.86 5.69
CA LYS B 110 2.28 13.74 5.40
C LYS B 110 1.43 13.83 6.68
N CYS B 111 1.94 13.27 7.78
CA CYS B 111 1.17 13.29 9.02
C CYS B 111 1.14 14.68 9.62
N PHE B 112 2.29 15.32 9.73
CA PHE B 112 2.41 16.47 10.61
C PHE B 112 2.88 17.73 9.93
N GLY B 113 3.42 17.65 8.70
CA GLY B 113 3.61 18.79 7.83
C GLY B 113 4.06 20.08 8.49
N ASP B 114 3.18 21.09 8.50
CA ASP B 114 3.57 22.41 8.99
C ASP B 114 3.87 22.41 10.48
N GLN B 115 3.38 21.42 11.23
CA GLN B 115 3.57 21.37 12.66
C GLN B 115 4.96 20.91 13.07
N LEU B 116 5.83 20.60 12.10
CA LEU B 116 7.13 20.05 12.47
C LEU B 116 8.03 21.09 13.10
N LYS B 117 7.84 22.37 12.78
CA LYS B 117 8.63 23.39 13.47
C LYS B 117 8.28 23.48 14.94
N THR B 118 7.01 23.24 15.29
CA THR B 118 6.64 23.12 16.69
C THR B 118 7.24 21.86 17.31
N ILE B 119 7.30 20.78 16.53
CA ILE B 119 7.75 19.49 17.06
C ILE B 119 9.26 19.42 17.13
N GLY B 120 9.93 19.77 16.04
CA GLY B 120 11.38 19.61 15.95
C GLY B 120 11.77 18.21 15.51
ZN ZN G . -16.29 -3.01 -17.93
ZN ZN H . -1.56 -23.95 -12.53
ZN ZN I . -3.03 9.75 11.79
ZN ZN J . 10.04 -11.26 21.06
#